data_9F0E
#
_entry.id   9F0E
#
_cell.length_a   108.697
_cell.length_b   34.755
_cell.length_c   56.433
_cell.angle_alpha   90.00
_cell.angle_beta   100.14
_cell.angle_gamma   90.00
#
_symmetry.space_group_name_H-M   'C 1 2 1'
#
loop_
_entity.id
_entity.type
_entity.pdbx_description
1 polymer 'Transcription factor CBF/NF-Y/archaeal histone domain-containing protein'
2 polymer "DNA (5'-D(P*CP*GP*TP*TP*AP*AP*AP*GP*C)-3')"
3 non-polymer 'PHOSPHATE ION'
4 water water
#
loop_
_entity_poly.entity_id
_entity_poly.type
_entity_poly.pdbx_seq_one_letter_code
_entity_poly.pdbx_strand_id
1 'polypeptide(L)' GHMAEVLVVTSKVKKLIKEKGQMNTSAETIDVLSKAIEQLCLKGVESAKADGRKTVMARDIVIDHL A,B
2 'polydeoxyribonucleotide' (DT)(DT)(DA)(DA)(DA)(DG)(DC)(DC)(DC)(DG)(DT)(DT)(DA)(DA)(DA)(DG)(DC)(DC)(DC)(DG) C
#
# COMPACT_ATOMS: atom_id res chain seq x y z
N GLU A 5 8.25 -3.62 -9.24
CA GLU A 5 7.13 -4.62 -9.30
C GLU A 5 6.48 -4.73 -7.91
N VAL A 6 7.18 -5.32 -6.94
CA VAL A 6 6.64 -5.60 -5.57
C VAL A 6 6.91 -4.38 -4.67
N LEU A 7 5.87 -3.61 -4.33
CA LEU A 7 6.03 -2.34 -3.58
C LEU A 7 5.69 -2.50 -2.09
N VAL A 8 5.25 -3.68 -1.64
CA VAL A 8 4.94 -3.94 -0.20
C VAL A 8 5.98 -4.89 0.37
N VAL A 9 6.23 -4.81 1.68
CA VAL A 9 7.16 -5.71 2.43
C VAL A 9 6.33 -6.95 2.79
N THR A 10 6.40 -7.99 1.95
CA THR A 10 5.55 -9.20 2.05
C THR A 10 5.62 -9.80 3.46
N SER A 11 6.81 -9.98 4.02
CA SER A 11 7.03 -10.66 5.33
C SER A 11 6.26 -9.91 6.43
N LYS A 12 6.30 -8.57 6.38
CA LYS A 12 5.65 -7.71 7.40
C LYS A 12 4.12 -7.71 7.18
N VAL A 13 3.64 -7.73 5.94
CA VAL A 13 2.16 -7.79 5.67
C VAL A 13 1.64 -9.13 6.20
N LYS A 14 2.37 -10.22 5.93
CA LYS A 14 1.96 -11.59 6.37
C LYS A 14 1.98 -11.66 7.91
N LYS A 15 3.02 -11.10 8.56
CA LYS A 15 3.17 -11.08 10.05
C LYS A 15 1.98 -10.32 10.65
N LEU A 16 1.59 -9.18 10.06
CA LEU A 16 0.44 -8.34 10.52
C LEU A 16 -0.88 -9.13 10.42
N ILE A 17 -1.10 -9.79 9.29
CA ILE A 17 -2.37 -10.54 9.02
C ILE A 17 -2.44 -11.77 9.95
N LYS A 18 -1.33 -12.47 10.15
CA LYS A 18 -1.23 -13.67 11.04
C LYS A 18 -1.49 -13.22 12.48
N GLU A 19 -0.83 -12.16 12.93
CA GLU A 19 -0.91 -11.67 14.35
C GLU A 19 -2.31 -11.15 14.66
N LYS A 20 -2.94 -10.43 13.73
CA LYS A 20 -4.23 -9.72 13.96
C LYS A 20 -5.43 -10.64 13.70
N GLY A 21 -5.34 -11.58 12.74
CA GLY A 21 -6.48 -12.43 12.34
C GLY A 21 -6.19 -13.93 12.42
N GLN A 22 -5.01 -14.35 12.87
CA GLN A 22 -4.53 -15.74 12.82
C GLN A 22 -4.75 -16.33 11.41
N MET A 23 -4.48 -15.57 10.35
CA MET A 23 -4.77 -16.04 8.96
CA MET A 23 -4.75 -16.08 8.97
C MET A 23 -3.52 -15.97 8.09
N ASN A 24 -3.49 -16.80 7.05
CA ASN A 24 -2.48 -16.78 5.97
C ASN A 24 -2.87 -15.66 5.00
N THR A 25 -1.96 -15.36 4.08
CA THR A 25 -2.13 -14.29 3.07
C THR A 25 -1.80 -14.89 1.70
N SER A 26 -2.72 -14.83 0.74
CA SER A 26 -2.50 -15.39 -0.61
C SER A 26 -1.46 -14.55 -1.37
N ALA A 27 -0.78 -15.18 -2.33
CA ALA A 27 0.17 -14.50 -3.24
C ALA A 27 -0.57 -13.35 -3.92
N GLU A 28 -1.82 -13.59 -4.35
CA GLU A 28 -2.65 -12.62 -5.11
C GLU A 28 -3.01 -11.43 -4.22
N THR A 29 -3.15 -11.63 -2.90
CA THR A 29 -3.38 -10.49 -1.95
C THR A 29 -2.19 -9.51 -1.99
N ILE A 30 -0.97 -10.03 -1.92
CA ILE A 30 0.29 -9.22 -2.02
C ILE A 30 0.26 -8.43 -3.33
N ASP A 31 -0.11 -9.09 -4.42
CA ASP A 31 -0.18 -8.44 -5.76
C ASP A 31 -1.18 -7.28 -5.72
N VAL A 32 -2.35 -7.45 -5.11
CA VAL A 32 -3.38 -6.37 -5.07
C VAL A 32 -2.84 -5.20 -4.24
N LEU A 33 -2.12 -5.49 -3.13
CA LEU A 33 -1.56 -4.44 -2.24
C LEU A 33 -0.48 -3.66 -3.00
N SER A 34 0.37 -4.34 -3.77
CA SER A 34 1.43 -3.70 -4.62
CA SER A 34 1.42 -3.70 -4.61
C SER A 34 0.77 -2.80 -5.68
N LYS A 35 -0.24 -3.31 -6.39
CA LYS A 35 -0.97 -2.54 -7.44
C LYS A 35 -1.66 -1.34 -6.77
N ALA A 36 -2.18 -1.51 -5.54
CA ALA A 36 -2.83 -0.40 -4.83
C ALA A 36 -1.80 0.72 -4.54
N ILE A 37 -0.59 0.37 -4.07
CA ILE A 37 0.50 1.35 -3.81
C ILE A 37 0.86 2.05 -5.14
N GLU A 38 1.04 1.29 -6.21
CA GLU A 38 1.37 1.85 -7.55
C GLU A 38 0.35 2.93 -7.94
N GLN A 39 -0.94 2.61 -7.87
CA GLN A 39 -2.01 3.56 -8.28
C GLN A 39 -2.03 4.78 -7.34
N LEU A 40 -1.82 4.59 -6.04
CA LEU A 40 -1.75 5.76 -5.12
C LEU A 40 -0.59 6.69 -5.48
N CYS A 41 0.60 6.14 -5.77
CA CYS A 41 1.81 6.91 -6.17
C CYS A 41 1.57 7.66 -7.48
N LEU A 42 1.01 7.00 -8.50
CA LEU A 42 0.74 7.63 -9.81
C LEU A 42 -0.30 8.76 -9.66
N LYS A 43 -1.35 8.57 -8.87
CA LYS A 43 -2.37 9.63 -8.65
C LYS A 43 -1.75 10.76 -7.81
N GLY A 44 -0.76 10.42 -6.96
CA GLY A 44 0.00 11.39 -6.14
C GLY A 44 0.90 12.24 -7.02
N VAL A 45 1.59 11.63 -8.00
CA VAL A 45 2.30 12.39 -9.05
C VAL A 45 1.34 13.36 -9.75
N GLU A 46 0.15 12.91 -10.21
CA GLU A 46 -0.79 13.81 -10.95
C GLU A 46 -1.07 15.05 -10.07
N SER A 47 -1.38 14.83 -8.79
CA SER A 47 -1.83 15.86 -7.83
C SER A 47 -0.71 16.88 -7.57
N ALA A 48 0.52 16.41 -7.30
CA ALA A 48 1.70 17.27 -7.07
C ALA A 48 2.01 18.10 -8.34
N LYS A 49 1.92 17.50 -9.52
CA LYS A 49 2.22 18.21 -10.79
C LYS A 49 1.17 19.28 -11.07
N ALA A 50 -0.09 18.96 -10.83
CA ALA A 50 -1.24 19.86 -11.02
C ALA A 50 -1.04 21.13 -10.15
N ASP A 51 -0.32 21.01 -9.02
CA ASP A 51 -0.03 22.10 -8.05
C ASP A 51 1.36 22.72 -8.34
N GLY A 52 2.06 22.25 -9.38
CA GLY A 52 3.40 22.72 -9.79
C GLY A 52 4.49 22.42 -8.77
N ARG A 53 4.40 21.32 -8.01
CA ARG A 53 5.42 20.93 -7.00
C ARG A 53 6.37 19.87 -7.54
N LYS A 54 7.56 19.77 -6.95
CA LYS A 54 8.61 18.77 -7.30
C LYS A 54 8.60 17.62 -6.27
N THR A 55 7.63 17.61 -5.34
CA THR A 55 7.59 16.64 -4.21
C THR A 55 6.15 16.16 -4.06
N VAL A 56 5.97 14.83 -4.06
CA VAL A 56 4.70 14.16 -3.69
C VAL A 56 4.60 14.20 -2.15
N MET A 57 3.53 14.80 -1.65
CA MET A 57 3.35 15.01 -0.19
CA MET A 57 3.34 15.02 -0.19
C MET A 57 2.20 14.12 0.31
N ALA A 58 2.05 14.00 1.63
CA ALA A 58 0.97 13.20 2.24
C ALA A 58 -0.36 13.66 1.66
N ARG A 59 -0.57 14.97 1.43
CA ARG A 59 -1.92 15.46 0.99
C ARG A 59 -2.21 15.05 -0.48
N ASP A 60 -1.20 14.56 -1.21
CA ASP A 60 -1.35 14.08 -2.62
C ASP A 60 -1.84 12.63 -2.66
N ILE A 61 -1.79 11.90 -1.54
CA ILE A 61 -2.25 10.47 -1.44
C ILE A 61 -3.67 10.49 -0.87
N VAL A 62 -4.66 10.55 -1.76
CA VAL A 62 -6.09 10.65 -1.40
C VAL A 62 -6.57 9.22 -1.08
N ILE A 63 -7.13 9.03 0.13
CA ILE A 63 -7.43 7.70 0.72
C ILE A 63 -8.89 7.66 1.19
N GLU B 5 5.88 -1.70 11.27
CA GLU B 5 5.75 -0.21 11.12
C GLU B 5 5.69 0.14 9.63
N VAL B 6 6.81 0.01 8.92
CA VAL B 6 6.94 0.43 7.49
C VAL B 6 6.56 -0.76 6.58
N LEU B 7 5.40 -0.72 5.93
CA LEU B 7 4.86 -1.87 5.14
C LEU B 7 5.08 -1.65 3.64
N VAL B 8 5.62 -0.51 3.20
CA VAL B 8 5.97 -0.26 1.76
C VAL B 8 7.50 -0.35 1.59
N VAL B 9 7.95 -0.71 0.38
CA VAL B 9 9.39 -0.73 0.02
C VAL B 9 9.76 0.69 -0.40
N THR B 10 10.27 1.49 0.54
CA THR B 10 10.50 2.95 0.37
C THR B 10 11.32 3.22 -0.89
N SER B 11 12.43 2.51 -1.08
CA SER B 11 13.40 2.75 -2.19
C SER B 11 12.67 2.59 -3.53
N LYS B 12 11.81 1.58 -3.64
CA LYS B 12 11.05 1.27 -4.89
C LYS B 12 9.93 2.29 -5.11
N VAL B 13 9.25 2.75 -4.04
CA VAL B 13 8.19 3.80 -4.18
C VAL B 13 8.86 5.09 -4.66
N LYS B 14 10.01 5.46 -4.08
CA LYS B 14 10.76 6.69 -4.45
C LYS B 14 11.25 6.57 -5.91
N LYS B 15 11.77 5.41 -6.30
CA LYS B 15 12.27 5.12 -7.68
C LYS B 15 11.11 5.30 -8.67
N LEU B 16 9.93 4.78 -8.35
CA LEU B 16 8.70 4.87 -9.19
C LEU B 16 8.28 6.34 -9.37
N ILE B 17 8.25 7.10 -8.28
CA ILE B 17 7.78 8.51 -8.28
C ILE B 17 8.79 9.38 -9.05
N LYS B 18 10.08 9.14 -8.86
CA LYS B 18 11.18 9.87 -9.56
C LYS B 18 11.11 9.56 -11.06
N GLU B 19 11.00 8.29 -11.43
CA GLU B 19 11.01 7.82 -12.84
C GLU B 19 9.77 8.33 -13.59
N LYS B 20 8.59 8.31 -12.95
CA LYS B 20 7.29 8.61 -13.60
C LYS B 20 7.00 10.12 -13.58
N GLY B 21 7.43 10.86 -12.55
CA GLY B 21 7.07 12.29 -12.38
C GLY B 21 8.28 13.22 -12.22
N GLN B 22 9.51 12.68 -12.26
CA GLN B 22 10.75 13.42 -11.92
C GLN B 22 10.58 14.13 -10.58
N MET B 23 9.97 13.50 -9.58
CA MET B 23 9.67 14.18 -8.28
C MET B 23 10.25 13.40 -7.11
N ASN B 24 10.54 14.12 -6.03
CA ASN B 24 10.94 13.55 -4.73
C ASN B 24 9.67 13.06 -4.02
N THR B 25 9.86 12.32 -2.94
CA THR B 25 8.77 11.75 -2.12
C THR B 25 9.02 12.12 -0.66
N SER B 26 8.08 12.78 -0.01
CA SER B 26 8.23 13.22 1.41
C SER B 26 8.18 11.99 2.34
N ALA B 27 8.80 12.13 3.52
CA ALA B 27 8.75 11.10 4.58
C ALA B 27 7.29 10.80 4.90
N GLU B 28 6.46 11.84 5.00
CA GLU B 28 5.02 11.73 5.38
C GLU B 28 4.23 10.99 4.30
N THR B 29 4.62 11.13 3.02
CA THR B 29 3.98 10.31 1.94
C THR B 29 4.18 8.79 2.19
N ILE B 30 5.40 8.36 2.51
CA ILE B 30 5.73 6.95 2.84
C ILE B 30 4.85 6.50 4.01
N ASP B 31 4.73 7.35 5.03
CA ASP B 31 3.91 7.04 6.22
C ASP B 31 2.45 6.82 5.81
N VAL B 32 1.89 7.64 4.91
CA VAL B 32 0.45 7.51 4.50
C VAL B 32 0.32 6.18 3.73
N LEU B 33 1.30 5.82 2.90
CA LEU B 33 1.27 4.58 2.07
C LEU B 33 1.32 3.35 3.00
N SER B 34 2.15 3.37 4.04
CA SER B 34 2.23 2.31 5.07
CA SER B 34 2.23 2.31 5.09
C SER B 34 0.89 2.19 5.82
N LYS B 35 0.35 3.31 6.28
CA LYS B 35 -0.98 3.35 6.98
C LYS B 35 -2.07 2.83 6.04
N ALA B 36 -2.00 3.15 4.74
CA ALA B 36 -2.99 2.68 3.75
C ALA B 36 -2.92 1.15 3.64
N ILE B 37 -1.72 0.55 3.58
CA ILE B 37 -1.52 -0.92 3.51
C ILE B 37 -2.11 -1.54 4.78
N GLU B 38 -1.79 -0.97 5.94
CA GLU B 38 -2.27 -1.48 7.25
C GLU B 38 -3.81 -1.56 7.22
N GLN B 39 -4.49 -0.48 6.84
CA GLN B 39 -5.97 -0.42 6.84
C GLN B 39 -6.53 -1.41 5.82
N LEU B 40 -5.91 -1.55 4.65
CA LEU B 40 -6.39 -2.57 3.67
C LEU B 40 -6.27 -3.99 4.24
N CYS B 41 -5.16 -4.32 4.90
CA CYS B 41 -4.94 -5.67 5.51
C CYS B 41 -5.96 -5.93 6.63
N LEU B 42 -6.20 -4.97 7.53
CA LEU B 42 -7.17 -5.12 8.63
C LEU B 42 -8.60 -5.28 8.07
N LYS B 43 -8.97 -4.53 7.05
CA LYS B 43 -10.32 -4.69 6.40
C LYS B 43 -10.40 -6.04 5.67
N GLY B 44 -9.24 -6.54 5.19
CA GLY B 44 -9.11 -7.84 4.52
C GLY B 44 -9.30 -8.98 5.51
N VAL B 45 -8.68 -8.86 6.69
CA VAL B 45 -8.96 -9.77 7.84
C VAL B 45 -10.47 -9.80 8.13
N GLU B 46 -11.13 -8.64 8.28
CA GLU B 46 -12.59 -8.61 8.64
C GLU B 46 -13.36 -9.45 7.59
N SER B 47 -13.09 -9.20 6.30
CA SER B 47 -13.82 -9.79 5.15
C SER B 47 -13.63 -11.30 5.09
N ALA B 48 -12.39 -11.79 5.25
CA ALA B 48 -12.06 -13.24 5.23
C ALA B 48 -12.73 -13.93 6.43
N LYS B 49 -12.72 -13.30 7.60
CA LYS B 49 -13.30 -13.90 8.84
C LYS B 49 -14.82 -13.97 8.70
N ALA B 50 -15.43 -12.93 8.15
CA ALA B 50 -16.89 -12.83 7.93
C ALA B 50 -17.34 -13.97 7.02
N ASP B 51 -16.46 -14.48 6.14
CA ASP B 51 -16.72 -15.58 5.17
C ASP B 51 -16.23 -16.93 5.74
N GLY B 52 -15.73 -16.94 6.97
CA GLY B 52 -15.24 -18.14 7.68
C GLY B 52 -14.00 -18.75 7.04
N ARG B 53 -13.12 -17.93 6.44
CA ARG B 53 -11.86 -18.45 5.81
C ARG B 53 -10.66 -18.22 6.72
N LYS B 54 -9.59 -18.98 6.51
CA LYS B 54 -8.29 -18.84 7.22
C LYS B 54 -7.27 -18.12 6.35
N THR B 55 -7.67 -17.62 5.17
CA THR B 55 -6.76 -16.94 4.20
C THR B 55 -7.40 -15.63 3.74
N VAL B 56 -6.64 -14.54 3.83
CA VAL B 56 -6.97 -13.25 3.19
C VAL B 56 -6.64 -13.36 1.69
N MET B 57 -7.65 -13.18 0.85
CA MET B 57 -7.52 -13.39 -0.62
C MET B 57 -7.59 -12.02 -1.32
N ALA B 58 -7.29 -11.99 -2.61
CA ALA B 58 -7.36 -10.77 -3.43
C ALA B 58 -8.75 -10.15 -3.28
N ARG B 59 -9.83 -10.97 -3.25
CA ARG B 59 -11.21 -10.41 -3.26
C ARG B 59 -11.53 -9.75 -1.90
N ASP B 60 -10.72 -9.96 -0.86
CA ASP B 60 -10.90 -9.36 0.49
C ASP B 60 -10.32 -7.93 0.55
N ILE B 61 -9.50 -7.54 -0.42
CA ILE B 61 -8.88 -6.17 -0.48
C ILE B 61 -9.73 -5.32 -1.41
N VAL B 62 -10.71 -4.61 -0.83
CA VAL B 62 -11.69 -3.81 -1.61
C VAL B 62 -11.03 -2.45 -1.92
N ILE B 63 -10.96 -2.11 -3.22
CA ILE B 63 -10.15 -0.97 -3.75
C ILE B 63 -11.03 -0.08 -4.62
#